data_7P4K
#
_entry.id   7P4K
#
_cell.length_a   127.820
_cell.length_b   79.326
_cell.length_c   88.599
_cell.angle_alpha   90.000
_cell.angle_beta   126.650
_cell.angle_gamma   90.000
#
_symmetry.space_group_name_H-M   'C 1 2 1'
#
loop_
_entity.id
_entity.type
_entity.pdbx_description
1 polymer 'Bifunctional epoxide hydrolase 2'
2 non-polymer ~{N}-[[4-(cyclopropylsulfonylamino)-2-(trifluoromethyl)phenyl]methyl]-1-[(3-fluorophenyl)methyl]indole-5-carboxamide
3 water water
#
_entity_poly.entity_id   1
_entity_poly.type   'polypeptide(L)'
_entity_poly.pdbx_seq_one_letter_code
;MASLNTPAPLPTSCNPSDMSHGYVTVKPRVRLHFVELGSGPAVCLCHGFPESWYSWRYQIPALAQAGYRVLAMDMKGYGE
SSAPPEIEEYCMEVLCKEMVTFLDKLGLSQAVFIGHDWGGMLVWYMALFYPERVRAVASLNTPFIPANPNMSPLESIKAN
PVFDYQLYFQEPGVAEAELEQNLSRTFKSLFRASDESVLSMHKVCEAGGLFVNSPEEPSLSRMVTEEEIQFYVQQFKKSG
FRGPLNWYRNMERNWKWACKSLGRKILIPALMVTAEKDFVLVPQMSQHMEDWIPHLKRGHIEDCGHWTQMDKPTEVNQIL
IKWLDSDARNPPVVSKMLLEHHHHHH
;
_entity_poly.pdbx_strand_id   A,B
#
# COMPACT_ATOMS: atom_id res chain seq x y z
N PRO A 11 -7.43 -20.19 12.21
CA PRO A 11 -7.78 -18.81 11.81
C PRO A 11 -7.68 -18.61 10.28
N THR A 12 -8.38 -17.62 9.77
CA THR A 12 -8.41 -17.24 8.33
C THR A 12 -7.00 -16.88 7.88
N SER A 13 -6.58 -17.40 6.74
CA SER A 13 -5.26 -17.17 6.13
C SER A 13 -5.39 -16.13 5.01
N CYS A 14 -4.31 -15.90 4.28
CA CYS A 14 -4.23 -14.99 3.11
C CYS A 14 -4.03 -15.81 1.82
N ASN A 15 -4.66 -15.37 0.74
CA ASN A 15 -4.31 -15.73 -0.65
C ASN A 15 -3.53 -14.56 -1.27
N PRO A 16 -2.25 -14.79 -1.68
CA PRO A 16 -1.38 -13.71 -2.20
C PRO A 16 -1.96 -12.89 -3.37
N SER A 17 -2.63 -13.55 -4.34
CA SER A 17 -3.27 -12.89 -5.53
C SER A 17 -4.31 -11.85 -5.09
N ASP A 18 -4.84 -11.98 -3.87
CA ASP A 18 -6.02 -11.24 -3.38
C ASP A 18 -5.65 -10.11 -2.42
N MET A 19 -4.36 -9.84 -2.22
CA MET A 19 -3.87 -8.79 -1.28
C MET A 19 -3.59 -7.52 -2.08
N SER A 20 -3.61 -6.38 -1.40
CA SER A 20 -2.98 -5.13 -1.86
C SER A 20 -1.47 -5.25 -1.71
N HIS A 21 -0.75 -5.06 -2.78
CA HIS A 21 0.73 -5.07 -2.81
C HIS A 21 1.23 -3.63 -2.93
N GLY A 22 2.06 -3.22 -1.98
CA GLY A 22 2.69 -1.88 -1.97
C GLY A 22 4.18 -1.97 -2.19
N TYR A 23 4.75 -0.93 -2.78
CA TYR A 23 6.21 -0.80 -3.09
C TYR A 23 6.65 0.59 -2.78
N VAL A 24 7.70 0.70 -2.01
CA VAL A 24 8.36 1.99 -1.63
C VAL A 24 9.84 1.88 -1.94
N THR A 25 10.39 2.85 -2.66
CA THR A 25 11.85 3.03 -2.87
C THR A 25 12.41 3.77 -1.67
N VAL A 26 13.27 3.13 -0.90
CA VAL A 26 13.85 3.71 0.35
C VAL A 26 15.27 4.25 0.05
N LYS A 27 15.83 3.86 -1.10
CA LYS A 27 17.20 4.20 -1.56
C LYS A 27 17.27 3.93 -3.06
N PRO A 28 18.22 4.55 -3.77
CA PRO A 28 18.35 4.37 -5.23
C PRO A 28 18.07 2.95 -5.74
N ARG A 29 18.70 1.93 -5.16
CA ARG A 29 18.65 0.55 -5.73
C ARG A 29 17.74 -0.34 -4.89
N VAL A 30 16.98 0.23 -3.96
CA VAL A 30 16.32 -0.53 -2.87
C VAL A 30 14.84 -0.16 -2.79
N ARG A 31 14.01 -1.11 -3.13
CA ARG A 31 12.53 -1.06 -3.01
C ARG A 31 12.09 -2.07 -1.95
N LEU A 32 11.22 -1.68 -1.05
CA LEU A 32 10.57 -2.59 -0.10
C LEU A 32 9.15 -2.85 -0.54
N HIS A 33 8.79 -4.11 -0.61
CA HIS A 33 7.43 -4.63 -0.91
C HIS A 33 6.71 -4.93 0.41
N PHE A 34 5.42 -4.71 0.45
CA PHE A 34 4.56 -5.07 1.58
C PHE A 34 3.17 -5.39 1.04
N VAL A 35 2.43 -6.18 1.79
CA VAL A 35 0.98 -6.30 1.63
C VAL A 35 0.32 -5.50 2.74
N GLU A 36 -0.85 -4.94 2.45
CA GLU A 36 -1.55 -3.98 3.30
C GLU A 36 -3.00 -4.46 3.45
N LEU A 37 -3.50 -4.51 4.66
CA LEU A 37 -4.92 -4.89 4.94
C LEU A 37 -5.40 -4.16 6.18
N GLY A 38 -6.56 -3.53 6.08
CA GLY A 38 -7.27 -2.95 7.22
C GLY A 38 -7.09 -1.45 7.27
N SER A 39 -7.83 -0.82 8.15
CA SER A 39 -7.65 0.60 8.56
C SER A 39 -7.53 0.66 10.07
N GLY A 40 -7.05 1.77 10.57
CA GLY A 40 -6.75 2.01 11.98
C GLY A 40 -5.28 2.30 12.16
N PRO A 41 -4.75 2.18 13.40
CA PRO A 41 -3.33 2.41 13.65
C PRO A 41 -2.50 1.47 12.77
N ALA A 42 -1.41 2.00 12.21
CA ALA A 42 -0.48 1.26 11.33
C ALA A 42 0.33 0.25 12.16
N VAL A 43 0.27 -1.01 11.79
CA VAL A 43 1.02 -2.13 12.41
C VAL A 43 1.88 -2.75 11.34
N CYS A 44 3.17 -2.61 11.48
CA CYS A 44 4.17 -3.09 10.52
C CYS A 44 4.73 -4.45 11.02
N LEU A 45 4.51 -5.51 10.28
CA LEU A 45 4.95 -6.89 10.65
C LEU A 45 6.28 -7.19 9.93
N CYS A 46 7.27 -7.67 10.69
CA CYS A 46 8.68 -7.89 10.25
C CYS A 46 9.09 -9.35 10.51
N HIS A 47 9.15 -10.16 9.47
CA HIS A 47 9.40 -11.60 9.52
C HIS A 47 10.89 -11.86 9.81
N GLY A 48 11.25 -13.11 10.04
CA GLY A 48 12.63 -13.48 10.28
C GLY A 48 13.20 -14.28 9.15
N PHE A 49 14.19 -15.11 9.48
CA PHE A 49 14.99 -15.90 8.55
C PHE A 49 14.48 -17.34 8.58
N PRO A 50 14.35 -18.03 7.42
CA PRO A 50 14.27 -17.40 6.12
C PRO A 50 12.81 -17.38 5.62
N GLU A 51 12.12 -16.29 5.83
CA GLU A 51 10.64 -16.28 5.77
C GLU A 51 10.18 -15.24 4.74
N SER A 52 9.05 -14.59 5.00
CA SER A 52 8.24 -13.92 3.99
C SER A 52 7.14 -13.11 4.70
N TRP A 53 6.60 -12.09 4.05
CA TRP A 53 5.34 -11.43 4.51
C TRP A 53 4.32 -12.51 4.83
N TYR A 54 4.39 -13.59 4.10
CA TYR A 54 3.39 -14.69 4.09
C TYR A 54 3.46 -15.48 5.41
N SER A 55 4.55 -15.33 6.16
CA SER A 55 4.70 -15.97 7.50
C SER A 55 3.70 -15.36 8.48
N TRP A 56 3.15 -14.21 8.13
CA TRP A 56 2.11 -13.52 8.92
C TRP A 56 0.71 -13.86 8.39
N ARG A 57 0.58 -14.85 7.50
CA ARG A 57 -0.71 -15.11 6.78
C ARG A 57 -1.89 -15.26 7.79
N TYR A 58 -1.66 -15.74 8.99
CA TYR A 58 -2.77 -15.97 9.98
C TYR A 58 -3.05 -14.72 10.80
N GLN A 59 -2.09 -13.81 10.86
CA GLN A 59 -2.18 -12.58 11.69
C GLN A 59 -2.82 -11.45 10.86
N ILE A 60 -2.53 -11.39 9.59
CA ILE A 60 -2.90 -10.21 8.77
C ILE A 60 -4.42 -10.04 8.82
N PRO A 61 -5.24 -11.08 8.53
CA PRO A 61 -6.68 -10.93 8.54
C PRO A 61 -7.21 -10.62 9.93
N ALA A 62 -6.68 -11.30 10.96
CA ALA A 62 -7.15 -11.16 12.36
C ALA A 62 -6.85 -9.74 12.87
N LEU A 63 -5.66 -9.22 12.60
CA LEU A 63 -5.27 -7.85 13.04
C LEU A 63 -6.11 -6.82 12.29
N ALA A 64 -6.32 -6.98 10.97
CA ALA A 64 -7.15 -6.07 10.17
C ALA A 64 -8.57 -6.04 10.74
N GLN A 65 -9.13 -7.22 11.01
CA GLN A 65 -10.49 -7.39 11.51
C GLN A 65 -10.61 -6.75 12.92
N ALA A 66 -9.53 -6.69 13.68
CA ALA A 66 -9.53 -6.17 15.07
C ALA A 66 -9.39 -4.64 15.07
N GLY A 67 -9.25 -4.03 13.89
CA GLY A 67 -9.27 -2.58 13.69
C GLY A 67 -7.87 -2.00 13.53
N TYR A 68 -7.00 -2.67 12.77
CA TYR A 68 -5.62 -2.22 12.52
C TYR A 68 -5.37 -2.18 11.04
N ARG A 69 -4.50 -1.28 10.64
CA ARG A 69 -3.94 -1.20 9.28
C ARG A 69 -2.63 -2.00 9.25
N VAL A 70 -2.66 -3.18 8.66
CA VAL A 70 -1.51 -4.13 8.70
C VAL A 70 -0.66 -3.91 7.45
N LEU A 71 0.61 -3.61 7.64
CA LEU A 71 1.65 -3.65 6.60
C LEU A 71 2.59 -4.84 6.90
N ALA A 72 2.48 -5.91 6.15
CA ALA A 72 3.34 -7.09 6.29
C ALA A 72 4.46 -7.02 5.24
N MET A 73 5.68 -6.75 5.70
CA MET A 73 6.84 -6.48 4.85
C MET A 73 7.32 -7.79 4.22
N ASP A 74 7.86 -7.70 3.02
CA ASP A 74 9.07 -8.46 2.63
C ASP A 74 10.29 -7.68 3.14
N MET A 75 11.01 -8.23 4.09
CA MET A 75 12.24 -7.59 4.63
C MET A 75 13.30 -7.53 3.50
N LYS A 76 14.20 -6.57 3.59
CA LYS A 76 15.30 -6.46 2.63
C LYS A 76 15.95 -7.83 2.47
N GLY A 77 16.13 -8.27 1.23
CA GLY A 77 16.75 -9.57 0.92
C GLY A 77 15.73 -10.62 0.51
N TYR A 78 14.44 -10.32 0.67
CA TYR A 78 13.35 -11.33 0.57
C TYR A 78 12.33 -10.96 -0.51
N GLY A 79 11.83 -11.97 -1.21
CA GLY A 79 10.57 -11.89 -1.95
C GLY A 79 10.65 -10.83 -3.02
N GLU A 80 9.82 -9.80 -2.94
CA GLU A 80 9.73 -8.74 -3.95
C GLU A 80 10.49 -7.51 -3.48
N SER A 81 11.06 -7.54 -2.27
CA SER A 81 11.95 -6.48 -1.78
C SER A 81 13.33 -6.68 -2.41
N SER A 82 14.05 -5.59 -2.63
CA SER A 82 15.41 -5.63 -3.22
C SER A 82 16.29 -6.52 -2.35
N ALA A 83 17.23 -7.22 -2.97
CA ALA A 83 18.23 -8.09 -2.31
C ALA A 83 19.61 -7.76 -2.83
N PRO A 84 20.15 -6.55 -2.61
CA PRO A 84 21.54 -6.27 -2.94
C PRO A 84 22.50 -7.26 -2.24
N PRO A 85 23.61 -7.66 -2.89
CA PRO A 85 24.47 -8.70 -2.35
C PRO A 85 25.39 -8.27 -1.17
N GLU A 86 25.68 -6.97 -1.07
CA GLU A 86 26.70 -6.43 -0.13
C GLU A 86 26.25 -6.74 1.28
N ILE A 87 27.13 -7.31 2.09
CA ILE A 87 26.83 -7.75 3.46
C ILE A 87 26.33 -6.54 4.27
N GLU A 88 26.96 -5.38 4.09
CA GLU A 88 26.77 -4.19 4.95
C GLU A 88 25.40 -3.52 4.67
N GLU A 89 24.71 -3.94 3.62
CA GLU A 89 23.34 -3.46 3.28
C GLU A 89 22.35 -4.07 4.29
N TYR A 90 22.80 -5.01 5.12
CA TYR A 90 21.94 -5.83 5.99
C TYR A 90 22.37 -5.71 7.45
N CYS A 91 23.16 -4.70 7.79
CA CYS A 91 23.43 -4.33 9.19
C CYS A 91 22.22 -3.53 9.72
N MET A 92 21.97 -3.65 11.00
CA MET A 92 20.75 -3.14 11.65
C MET A 92 20.66 -1.62 11.44
N GLU A 93 21.80 -0.94 11.36
CA GLU A 93 21.84 0.52 11.19
C GLU A 93 21.21 0.88 9.83
N VAL A 94 21.59 0.19 8.77
CA VAL A 94 21.06 0.42 7.40
C VAL A 94 19.60 -0.03 7.37
N LEU A 95 19.30 -1.21 7.89
CA LEU A 95 17.94 -1.76 7.84
C LEU A 95 16.97 -0.81 8.56
N CYS A 96 17.35 -0.28 9.73
CA CYS A 96 16.49 0.62 10.54
C CYS A 96 16.25 1.93 9.80
N LYS A 97 17.29 2.53 9.27
CA LYS A 97 17.22 3.80 8.54
C LYS A 97 16.30 3.61 7.32
N GLU A 98 16.29 2.42 6.74
CA GLU A 98 15.45 2.11 5.56
C GLU A 98 13.98 2.00 5.99
N MET A 99 13.73 1.45 7.16
CA MET A 99 12.35 1.30 7.71
C MET A 99 11.80 2.68 8.10
N VAL A 100 12.66 3.60 8.55
CA VAL A 100 12.25 4.99 8.87
C VAL A 100 11.88 5.72 7.56
N THR A 101 12.69 5.56 6.52
CA THR A 101 12.42 6.14 5.20
C THR A 101 11.11 5.57 4.66
N PHE A 102 10.86 4.29 4.89
CA PHE A 102 9.61 3.61 4.50
C PHE A 102 8.40 4.32 5.13
N LEU A 103 8.45 4.55 6.44
CA LEU A 103 7.41 5.32 7.17
C LEU A 103 7.27 6.71 6.54
N ASP A 104 8.40 7.37 6.24
CA ASP A 104 8.45 8.75 5.68
C ASP A 104 7.65 8.77 4.38
N LYS A 105 7.93 7.86 3.46
CA LYS A 105 7.38 7.89 2.10
C LYS A 105 5.90 7.52 2.15
N LEU A 106 5.50 6.72 3.13
CA LEU A 106 4.08 6.34 3.34
C LEU A 106 3.33 7.45 4.11
N GLY A 107 4.06 8.45 4.60
CA GLY A 107 3.53 9.58 5.36
C GLY A 107 2.94 9.12 6.68
N LEU A 108 3.59 8.15 7.32
CA LEU A 108 3.27 7.67 8.68
C LEU A 108 4.24 8.32 9.68
N SER A 109 3.75 9.04 10.63
CA SER A 109 4.54 9.63 11.72
C SER A 109 5.07 8.52 12.66
N GLN A 110 4.32 7.45 12.85
CA GLN A 110 4.75 6.28 13.63
C GLN A 110 3.94 5.05 13.23
N ALA A 111 4.46 3.88 13.57
CA ALA A 111 3.74 2.60 13.49
C ALA A 111 4.04 1.79 14.73
N VAL A 112 3.20 0.84 15.02
CA VAL A 112 3.53 -0.31 15.88
C VAL A 112 4.41 -1.26 15.05
N PHE A 113 5.52 -1.68 15.61
CA PHE A 113 6.44 -2.64 14.98
C PHE A 113 6.38 -3.97 15.71
N ILE A 114 5.97 -4.99 14.99
CA ILE A 114 5.90 -6.38 15.49
C ILE A 114 6.83 -7.20 14.63
N GLY A 115 7.82 -7.83 15.25
CA GLY A 115 8.83 -8.61 14.56
C GLY A 115 8.98 -9.99 15.16
N HIS A 116 9.43 -10.93 14.36
CA HIS A 116 9.80 -12.27 14.77
C HIS A 116 11.24 -12.55 14.33
N ASP A 117 12.02 -13.20 15.18
CA ASP A 117 13.35 -13.75 14.82
C ASP A 117 14.27 -12.53 14.49
N TRP A 118 14.89 -12.50 13.32
CA TRP A 118 15.72 -11.34 12.86
C TRP A 118 14.84 -10.09 12.72
N GLY A 119 13.58 -10.25 12.35
CA GLY A 119 12.60 -9.12 12.33
C GLY A 119 12.37 -8.56 13.74
N GLY A 120 12.38 -9.42 14.74
CA GLY A 120 12.24 -9.03 16.15
C GLY A 120 13.44 -8.23 16.60
N MET A 121 14.62 -8.64 16.18
CA MET A 121 15.91 -7.95 16.46
C MET A 121 15.83 -6.53 15.89
N LEU A 122 15.31 -6.40 14.69
CA LEU A 122 15.13 -5.11 13.99
C LEU A 122 14.16 -4.23 14.75
N VAL A 123 13.02 -4.76 15.23
CA VAL A 123 12.01 -3.88 15.88
C VAL A 123 12.54 -3.42 17.24
N TRP A 124 13.38 -4.21 17.94
CA TRP A 124 14.05 -3.75 19.18
C TRP A 124 14.97 -2.54 18.85
N TYR A 125 15.80 -2.67 17.81
CA TYR A 125 16.71 -1.61 17.36
C TYR A 125 15.90 -0.36 16.95
N MET A 126 14.78 -0.55 16.26
CA MET A 126 13.85 0.55 15.87
C MET A 126 13.37 1.28 17.15
N ALA A 127 12.93 0.54 18.15
CA ALA A 127 12.38 1.10 19.41
C ALA A 127 13.50 1.84 20.14
N LEU A 128 14.70 1.31 20.08
CA LEU A 128 15.87 1.81 20.80
C LEU A 128 16.35 3.13 20.15
N PHE A 129 16.50 3.15 18.82
CA PHE A 129 17.17 4.25 18.07
C PHE A 129 16.15 5.21 17.44
N TYR A 130 14.89 4.77 17.22
CA TYR A 130 13.82 5.58 16.57
C TYR A 130 12.54 5.52 17.38
N PRO A 131 12.60 5.74 18.72
CA PRO A 131 11.40 5.64 19.55
C PRO A 131 10.30 6.59 19.07
N GLU A 132 10.67 7.75 18.52
CA GLU A 132 9.70 8.78 18.08
C GLU A 132 8.86 8.22 16.91
N ARG A 133 9.38 7.24 16.16
CA ARG A 133 8.71 6.66 14.97
C ARG A 133 7.99 5.35 15.36
N VAL A 134 8.18 4.86 16.58
CA VAL A 134 7.63 3.54 17.02
C VAL A 134 6.60 3.78 18.10
N ARG A 135 5.30 3.59 17.76
CA ARG A 135 4.16 3.71 18.70
C ARG A 135 4.31 2.66 19.82
N ALA A 136 4.63 1.43 19.46
CA ALA A 136 4.78 0.29 20.38
C ALA A 136 5.58 -0.77 19.67
N VAL A 137 6.20 -1.67 20.40
CA VAL A 137 7.08 -2.70 19.83
C VAL A 137 6.70 -4.03 20.43
N ALA A 138 6.61 -5.06 19.61
CA ALA A 138 6.41 -6.46 20.01
C ALA A 138 7.41 -7.33 19.27
N SER A 139 8.06 -8.23 20.01
CA SER A 139 8.90 -9.29 19.46
C SER A 139 8.28 -10.66 19.76
N LEU A 140 8.24 -11.53 18.75
CA LEU A 140 8.08 -13.00 18.93
C LEU A 140 9.48 -13.62 18.99
N ASN A 141 9.83 -14.21 20.14
CA ASN A 141 10.96 -15.16 20.36
C ASN A 141 12.24 -14.35 20.65
N THR A 142 12.49 -13.29 19.89
CA THR A 142 13.75 -12.53 19.95
C THR A 142 13.75 -11.66 21.19
N PRO A 143 14.68 -11.89 22.13
CA PRO A 143 14.83 -11.03 23.29
C PRO A 143 15.53 -9.72 22.91
N PHE A 144 15.48 -8.73 23.78
CA PHE A 144 16.39 -7.55 23.75
C PHE A 144 17.39 -7.70 24.86
N ILE A 145 18.65 -7.95 24.48
CA ILE A 145 19.85 -8.01 25.39
C ILE A 145 20.69 -6.76 25.16
N PRO A 146 20.92 -5.92 26.19
CA PRO A 146 21.87 -4.81 26.06
C PRO A 146 23.24 -5.30 25.58
N ALA A 147 23.85 -4.60 24.64
CA ALA A 147 25.18 -4.91 24.07
C ALA A 147 26.23 -4.77 25.17
N ASN A 148 27.11 -5.75 25.29
CA ASN A 148 28.24 -5.73 26.25
C ASN A 148 29.50 -5.23 25.52
N PRO A 149 29.98 -4.01 25.80
CA PRO A 149 31.16 -3.47 25.13
C PRO A 149 32.47 -4.24 25.37
N ASN A 150 32.45 -5.27 26.23
CA ASN A 150 33.65 -6.08 26.57
C ASN A 150 33.82 -7.23 25.58
N MET A 151 32.73 -7.91 25.19
CA MET A 151 32.76 -9.16 24.35
C MET A 151 32.03 -8.90 23.03
N SER A 152 32.72 -9.03 21.89
CA SER A 152 32.11 -9.16 20.53
C SER A 152 31.22 -10.38 20.53
N PRO A 153 30.10 -10.38 19.76
CA PRO A 153 29.24 -11.56 19.68
C PRO A 153 29.97 -12.78 19.10
N LEU A 154 31.09 -12.56 18.39
CA LEU A 154 32.09 -13.60 18.03
C LEU A 154 32.51 -14.41 19.28
N GLU A 155 32.79 -13.72 20.39
CA GLU A 155 33.23 -14.32 21.68
C GLU A 155 32.07 -15.10 22.32
N SER A 156 30.86 -14.51 22.35
CA SER A 156 29.62 -15.12 22.92
C SER A 156 29.43 -16.54 22.37
N PHE A 163 26.34 -22.30 19.20
CA PHE A 163 25.61 -21.96 17.93
C PHE A 163 26.61 -21.94 16.75
N ASP A 164 27.34 -23.06 16.53
CA ASP A 164 28.27 -23.28 15.38
C ASP A 164 27.60 -22.82 14.06
N TYR A 165 26.32 -23.14 13.86
CA TYR A 165 25.59 -22.94 12.58
C TYR A 165 25.72 -21.47 12.13
N GLN A 166 25.86 -20.56 13.09
CA GLN A 166 25.97 -19.11 12.82
C GLN A 166 27.33 -18.80 12.22
N LEU A 167 28.36 -19.59 12.57
CA LEU A 167 29.72 -19.50 11.96
C LEU A 167 29.69 -20.06 10.54
N TYR A 168 28.96 -21.14 10.34
CA TYR A 168 28.73 -21.76 9.01
C TYR A 168 28.06 -20.73 8.08
N PHE A 169 27.17 -19.90 8.62
CA PHE A 169 26.42 -18.86 7.86
C PHE A 169 27.36 -17.67 7.50
N GLN A 170 28.56 -17.56 8.11
CA GLN A 170 29.40 -16.34 7.97
C GLN A 170 29.89 -16.22 6.52
N GLU A 171 30.50 -17.26 5.99
CA GLU A 171 31.32 -17.23 4.75
C GLU A 171 30.40 -17.18 3.54
N PRO A 172 30.37 -16.05 2.77
CA PRO A 172 29.47 -15.92 1.63
C PRO A 172 29.63 -17.07 0.62
N GLY A 173 28.52 -17.71 0.24
CA GLY A 173 28.46 -18.73 -0.83
C GLY A 173 28.27 -20.14 -0.27
N VAL A 174 28.67 -20.40 0.98
CA VAL A 174 28.74 -21.76 1.59
C VAL A 174 27.32 -22.22 1.96
N ALA A 175 26.68 -21.60 2.95
CA ALA A 175 25.30 -21.95 3.37
C ALA A 175 24.34 -21.75 2.17
N GLU A 176 24.58 -20.72 1.34
CA GLU A 176 23.75 -20.45 0.13
C GLU A 176 23.65 -21.73 -0.71
N ALA A 177 24.79 -22.36 -0.98
CA ALA A 177 24.89 -23.57 -1.85
C ALA A 177 24.01 -24.68 -1.27
N GLU A 178 24.07 -24.90 0.05
CA GLU A 178 23.26 -25.96 0.72
C GLU A 178 21.77 -25.59 0.67
N LEU A 179 21.41 -24.35 1.01
CA LEU A 179 20.01 -23.91 1.19
C LEU A 179 19.30 -23.78 -0.18
N GLU A 180 20.04 -23.47 -1.22
CA GLU A 180 19.50 -23.26 -2.60
C GLU A 180 19.51 -24.58 -3.39
N GLN A 181 20.21 -25.61 -2.93
CA GLN A 181 20.38 -26.87 -3.70
C GLN A 181 19.01 -27.44 -4.05
N ASN A 182 18.12 -27.53 -3.07
CA ASN A 182 16.74 -28.03 -3.26
C ASN A 182 15.81 -27.25 -2.34
N LEU A 183 15.09 -26.27 -2.90
CA LEU A 183 14.33 -25.26 -2.13
C LEU A 183 13.18 -25.93 -1.37
N SER A 184 12.51 -26.89 -2.00
CA SER A 184 11.42 -27.67 -1.38
CA SER A 184 11.42 -27.67 -1.38
C SER A 184 11.95 -28.39 -0.14
N ARG A 185 13.11 -28.99 -0.24
CA ARG A 185 13.73 -29.75 0.86
C ARG A 185 14.11 -28.78 1.99
N THR A 186 14.71 -27.62 1.63
CA THR A 186 15.09 -26.57 2.61
C THR A 186 13.88 -26.22 3.46
N PHE A 187 12.77 -25.87 2.86
CA PHE A 187 11.61 -25.29 3.59
C PHE A 187 10.87 -26.38 4.35
N LYS A 188 10.77 -27.56 3.78
CA LYS A 188 10.17 -28.74 4.45
C LYS A 188 11.03 -29.13 5.65
N SER A 189 12.34 -28.92 5.56
CA SER A 189 13.31 -29.32 6.62
C SER A 189 13.28 -28.28 7.74
N LEU A 190 13.13 -27.00 7.42
CA LEU A 190 13.12 -25.89 8.39
C LEU A 190 11.75 -25.79 9.06
N PHE A 191 10.67 -25.69 8.29
CA PHE A 191 9.32 -25.33 8.81
C PHE A 191 8.68 -26.57 9.42
N ARG A 192 9.06 -26.88 10.64
CA ARG A 192 8.60 -28.09 11.38
C ARG A 192 8.32 -27.70 12.81
N ALA A 193 7.32 -28.31 13.41
CA ALA A 193 7.08 -28.29 14.86
C ALA A 193 8.33 -28.81 15.57
N SER A 194 8.60 -28.36 16.79
CA SER A 194 9.83 -28.70 17.56
C SER A 194 9.99 -30.22 17.65
N ASP A 195 8.89 -30.97 17.82
CA ASP A 195 8.91 -32.45 18.00
C ASP A 195 9.07 -33.14 16.63
N GLU A 196 9.00 -32.39 15.54
CA GLU A 196 9.18 -32.92 14.17
C GLU A 196 10.60 -32.61 13.66
N SER A 197 11.43 -31.89 14.43
CA SER A 197 12.68 -31.28 13.90
C SER A 197 13.64 -32.38 13.47
N VAL A 198 14.29 -32.19 12.33
CA VAL A 198 15.22 -33.18 11.68
C VAL A 198 16.62 -32.55 11.60
N LEU A 199 16.82 -31.38 12.24
CA LEU A 199 18.10 -30.62 12.26
C LEU A 199 18.72 -30.70 13.67
N SER A 200 19.99 -31.05 13.75
CA SER A 200 20.91 -30.69 14.86
C SER A 200 21.77 -29.49 14.40
N MET A 201 21.63 -28.35 15.06
CA MET A 201 22.33 -27.08 14.70
C MET A 201 23.69 -27.00 15.44
N HIS A 202 24.17 -28.13 16.01
CA HIS A 202 25.19 -28.20 17.09
C HIS A 202 26.62 -28.30 16.50
N LYS A 203 26.84 -29.28 15.60
CA LYS A 203 28.17 -29.54 14.95
C LYS A 203 28.00 -29.41 13.45
N VAL A 204 27.16 -28.46 13.02
CA VAL A 204 26.91 -28.14 11.59
C VAL A 204 28.25 -28.08 10.86
N CYS A 205 29.18 -27.25 11.36
CA CYS A 205 30.47 -26.89 10.68
C CYS A 205 31.29 -28.16 10.39
N GLU A 206 31.52 -28.99 11.41
CA GLU A 206 32.33 -30.24 11.32
C GLU A 206 31.64 -31.21 10.34
N ALA A 207 30.32 -31.40 10.51
CA ALA A 207 29.44 -32.13 9.56
C ALA A 207 29.47 -31.42 8.20
N GLY A 208 29.66 -30.11 8.20
CA GLY A 208 29.74 -29.27 6.98
C GLY A 208 28.40 -29.16 6.28
N GLY A 209 27.34 -28.80 7.02
CA GLY A 209 26.00 -28.53 6.46
C GLY A 209 24.89 -28.66 7.49
N LEU A 210 23.81 -27.90 7.30
CA LEU A 210 22.58 -27.93 8.09
C LEU A 210 21.83 -29.25 7.86
N PHE A 211 21.85 -29.78 6.63
CA PHE A 211 20.93 -30.87 6.18
C PHE A 211 21.70 -32.14 5.87
N VAL A 212 23.00 -32.23 6.21
CA VAL A 212 23.84 -33.42 5.83
C VAL A 212 23.24 -34.67 6.51
N ASN A 213 22.71 -34.53 7.74
CA ASN A 213 22.14 -35.65 8.56
C ASN A 213 20.61 -35.49 8.68
N SER A 214 19.92 -35.15 7.60
CA SER A 214 18.44 -34.93 7.55
C SER A 214 17.85 -35.64 6.33
N PRO A 215 16.57 -36.06 6.37
CA PRO A 215 16.00 -36.84 5.27
C PRO A 215 16.15 -36.12 3.92
N GLU A 216 16.36 -36.89 2.84
CA GLU A 216 16.54 -36.38 1.45
C GLU A 216 15.19 -35.87 0.92
N GLU A 217 14.10 -36.61 1.22
CA GLU A 217 12.69 -36.18 0.98
C GLU A 217 11.95 -36.07 2.31
N PRO A 218 12.13 -34.97 3.10
CA PRO A 218 11.48 -34.85 4.40
C PRO A 218 9.95 -34.89 4.23
N SER A 219 9.28 -35.53 5.19
CA SER A 219 7.82 -35.46 5.35
C SER A 219 7.41 -33.99 5.50
N LEU A 220 6.22 -33.66 5.03
CA LEU A 220 5.47 -32.42 5.33
C LEU A 220 5.17 -32.35 6.85
N SER A 221 5.61 -31.28 7.51
CA SER A 221 5.22 -30.91 8.88
C SER A 221 3.69 -30.76 8.95
N ARG A 222 3.10 -31.07 10.11
CA ARG A 222 1.66 -30.85 10.39
C ARG A 222 1.33 -29.34 10.36
N MET A 223 2.33 -28.46 10.41
CA MET A 223 2.13 -26.98 10.49
C MET A 223 1.75 -26.40 9.12
N VAL A 224 2.22 -27.01 8.03
CA VAL A 224 2.21 -26.39 6.67
C VAL A 224 1.65 -27.37 5.65
N THR A 225 1.14 -26.86 4.55
CA THR A 225 0.68 -27.63 3.38
C THR A 225 1.75 -27.55 2.32
N GLU A 226 1.70 -28.48 1.37
CA GLU A 226 2.49 -28.47 0.12
C GLU A 226 2.40 -27.09 -0.52
N GLU A 227 1.20 -26.51 -0.57
CA GLU A 227 0.92 -25.24 -1.30
C GLU A 227 1.69 -24.11 -0.62
N GLU A 228 1.64 -24.05 0.71
CA GLU A 228 2.37 -23.03 1.52
C GLU A 228 3.88 -23.18 1.28
N ILE A 229 4.41 -24.39 1.32
CA ILE A 229 5.87 -24.64 1.03
C ILE A 229 6.18 -24.11 -0.36
N GLN A 230 5.32 -24.43 -1.35
CA GLN A 230 5.54 -24.07 -2.77
C GLN A 230 5.56 -22.54 -2.90
N PHE A 231 4.86 -21.80 -2.04
CA PHE A 231 4.87 -20.32 -2.07
C PHE A 231 6.28 -19.84 -1.67
N TYR A 232 6.85 -20.38 -0.60
CA TYR A 232 8.22 -19.98 -0.14
C TYR A 232 9.24 -20.35 -1.21
N VAL A 233 9.04 -21.47 -1.88
CA VAL A 233 9.94 -21.95 -2.96
C VAL A 233 9.93 -20.92 -4.10
N GLN A 234 8.75 -20.49 -4.53
CA GLN A 234 8.57 -19.48 -5.60
C GLN A 234 9.25 -18.16 -5.18
N GLN A 235 9.07 -17.73 -3.95
CA GLN A 235 9.62 -16.45 -3.43
C GLN A 235 11.15 -16.51 -3.49
N PHE A 236 11.73 -17.61 -3.06
CA PHE A 236 13.19 -17.71 -2.85
C PHE A 236 13.93 -17.97 -4.18
N LYS A 237 13.19 -18.16 -5.25
CA LYS A 237 13.72 -18.30 -6.64
C LYS A 237 14.16 -16.93 -7.18
N LYS A 238 13.65 -15.83 -6.62
CA LYS A 238 13.94 -14.46 -7.11
C LYS A 238 15.39 -14.10 -6.72
N SER A 239 15.76 -14.26 -5.46
CA SER A 239 17.07 -13.74 -4.95
C SER A 239 17.88 -14.85 -4.29
N GLY A 240 17.26 -15.94 -3.90
CA GLY A 240 17.95 -17.01 -3.14
C GLY A 240 18.25 -16.57 -1.71
N PHE A 241 19.35 -17.05 -1.16
CA PHE A 241 19.62 -17.05 0.28
C PHE A 241 20.70 -16.04 0.64
N ARG A 242 21.31 -15.36 -0.32
CA ARG A 242 22.42 -14.41 -0.01
C ARG A 242 21.91 -13.28 0.90
N GLY A 243 20.94 -12.53 0.44
CA GLY A 243 20.35 -11.42 1.20
C GLY A 243 19.94 -11.88 2.60
N PRO A 244 19.09 -12.91 2.71
CA PRO A 244 18.69 -13.44 4.01
C PRO A 244 19.88 -13.81 4.95
N LEU A 245 20.87 -14.54 4.45
CA LEU A 245 22.06 -14.96 5.24
C LEU A 245 22.91 -13.72 5.63
N ASN A 246 22.86 -12.64 4.84
CA ASN A 246 23.62 -11.39 5.16
C ASN A 246 23.11 -10.78 6.48
N TRP A 247 21.88 -11.06 6.88
CA TRP A 247 21.37 -10.61 8.21
C TRP A 247 22.31 -11.11 9.32
N TYR A 248 22.95 -12.27 9.12
CA TYR A 248 23.80 -12.96 10.12
C TYR A 248 25.26 -12.44 10.06
N ARG A 249 25.61 -11.65 9.05
CA ARG A 249 27.02 -11.38 8.66
C ARG A 249 27.42 -9.97 9.10
N ASN A 250 26.74 -9.41 10.09
CA ASN A 250 27.00 -8.02 10.55
C ASN A 250 27.14 -8.00 12.07
N MET A 251 27.57 -9.12 12.66
CA MET A 251 27.63 -9.28 14.13
C MET A 251 28.45 -8.13 14.75
N GLU A 252 29.62 -7.82 14.20
CA GLU A 252 30.54 -6.80 14.78
C GLU A 252 29.91 -5.41 14.60
N ARG A 253 29.39 -5.11 13.41
CA ARG A 253 28.79 -3.78 13.09
C ARG A 253 27.52 -3.55 13.95
N ASN A 254 26.69 -4.56 14.13
CA ASN A 254 25.44 -4.46 14.91
C ASN A 254 25.78 -4.24 16.37
N TRP A 255 26.79 -4.92 16.85
CA TRP A 255 27.29 -4.81 18.23
C TRP A 255 27.86 -3.38 18.48
N LYS A 256 28.74 -2.90 17.59
CA LYS A 256 29.31 -1.52 17.68
C LYS A 256 28.16 -0.50 17.71
N TRP A 257 27.19 -0.61 16.80
CA TRP A 257 26.03 0.31 16.75
C TRP A 257 25.26 0.22 18.08
N ALA A 258 24.99 -1.00 18.56
CA ALA A 258 24.19 -1.25 19.79
C ALA A 258 24.88 -0.59 20.99
N CYS A 259 26.21 -0.69 21.06
CA CYS A 259 27.04 -0.09 22.12
C CYS A 259 26.83 1.43 22.18
N LYS A 260 26.61 2.07 21.04
CA LYS A 260 26.45 3.54 20.94
C LYS A 260 25.14 3.96 21.62
N SER A 261 24.29 3.01 21.96
CA SER A 261 22.97 3.25 22.57
C SER A 261 23.01 2.88 24.05
N LEU A 262 24.20 2.61 24.59
CA LEU A 262 24.35 2.05 25.94
C LEU A 262 23.81 3.05 26.96
N GLY A 263 22.90 2.59 27.82
CA GLY A 263 22.45 3.31 29.01
C GLY A 263 21.10 3.95 28.78
N ARG A 264 20.63 4.01 27.53
CA ARG A 264 19.30 4.56 27.20
C ARG A 264 18.30 3.40 27.18
N LYS A 265 17.16 3.59 27.82
CA LYS A 265 16.12 2.55 27.98
C LYS A 265 15.12 2.69 26.86
N ILE A 266 14.31 1.66 26.64
CA ILE A 266 13.13 1.73 25.74
C ILE A 266 11.91 2.03 26.58
N LEU A 267 11.30 3.20 26.36
CA LEU A 267 10.30 3.82 27.25
C LEU A 267 8.90 3.71 26.65
N ILE A 268 8.79 3.10 25.46
CA ILE A 268 7.49 2.93 24.75
C ILE A 268 6.88 1.60 25.15
N PRO A 269 5.54 1.40 25.00
CA PRO A 269 4.92 0.12 25.27
C PRO A 269 5.60 -1.00 24.46
N ALA A 270 5.90 -2.11 25.12
CA ALA A 270 6.67 -3.22 24.59
C ALA A 270 6.01 -4.53 25.00
N LEU A 271 5.98 -5.50 24.09
CA LEU A 271 5.51 -6.86 24.36
C LEU A 271 6.61 -7.87 23.99
N MET A 272 6.94 -8.76 24.90
CA MET A 272 7.86 -9.87 24.64
C MET A 272 7.06 -11.17 24.67
N VAL A 273 7.00 -11.88 23.55
CA VAL A 273 6.31 -13.18 23.44
C VAL A 273 7.37 -14.27 23.31
N THR A 274 7.44 -15.15 24.29
CA THR A 274 8.40 -16.28 24.30
C THR A 274 7.70 -17.55 23.80
N ALA A 275 8.45 -18.43 23.15
CA ALA A 275 8.01 -19.75 22.66
C ALA A 275 8.74 -20.86 23.43
N GLU A 276 7.99 -21.68 24.17
CA GLU A 276 8.49 -22.72 25.11
C GLU A 276 9.55 -23.59 24.42
N LYS A 277 9.33 -23.93 23.16
CA LYS A 277 10.08 -24.99 22.45
C LYS A 277 10.96 -24.38 21.36
N ASP A 278 11.19 -23.06 21.35
CA ASP A 278 12.28 -22.45 20.52
C ASP A 278 13.63 -22.72 21.21
N PHE A 279 14.46 -23.57 20.62
CA PHE A 279 15.69 -24.11 21.26
C PHE A 279 16.88 -23.20 20.97
N VAL A 280 16.68 -22.19 20.14
CA VAL A 280 17.72 -21.21 19.76
C VAL A 280 17.42 -19.91 20.49
N LEU A 281 16.25 -19.33 20.23
CA LEU A 281 15.80 -18.10 20.94
C LEU A 281 14.99 -18.52 22.15
N VAL A 282 15.66 -19.05 23.17
CA VAL A 282 15.01 -19.74 24.31
C VAL A 282 14.40 -18.67 25.21
N PRO A 283 13.27 -18.97 25.85
CA PRO A 283 12.56 -17.98 26.67
C PRO A 283 13.45 -17.34 27.76
N GLN A 284 14.35 -18.13 28.34
CA GLN A 284 15.23 -17.69 29.45
C GLN A 284 16.11 -16.51 29.01
N MET A 285 16.42 -16.40 27.72
CA MET A 285 17.28 -15.32 27.20
C MET A 285 16.56 -13.97 27.32
N SER A 286 15.24 -13.97 27.57
CA SER A 286 14.44 -12.74 27.75
C SER A 286 14.41 -12.31 29.21
N GLN A 287 15.08 -13.04 30.10
CA GLN A 287 14.70 -13.14 31.56
C GLN A 287 14.89 -11.80 32.29
N HIS A 288 15.70 -10.86 31.80
CA HIS A 288 16.05 -9.63 32.57
C HIS A 288 15.60 -8.35 31.86
N MET A 289 14.72 -8.46 30.86
CA MET A 289 14.39 -7.37 29.91
C MET A 289 13.61 -6.24 30.63
N GLU A 290 12.91 -6.55 31.72
CA GLU A 290 12.18 -5.56 32.57
C GLU A 290 13.14 -4.42 33.03
N ASP A 291 14.39 -4.76 33.39
CA ASP A 291 15.44 -3.78 33.84
C ASP A 291 15.59 -2.64 32.82
N TRP A 292 15.59 -2.95 31.52
CA TRP A 292 15.96 -2.03 30.40
C TRP A 292 14.68 -1.50 29.71
N ILE A 293 13.54 -2.14 29.97
CA ILE A 293 12.24 -1.89 29.28
C ILE A 293 11.15 -1.85 30.32
N PRO A 294 10.97 -0.70 31.04
CA PRO A 294 10.11 -0.65 32.22
C PRO A 294 8.64 -1.02 31.91
N HIS A 295 8.16 -0.62 30.73
CA HIS A 295 6.76 -0.77 30.26
C HIS A 295 6.56 -2.12 29.52
N LEU A 296 7.36 -3.15 29.83
CA LEU A 296 7.34 -4.46 29.13
C LEU A 296 6.16 -5.30 29.63
N LYS A 297 5.35 -5.80 28.71
CA LYS A 297 4.37 -6.89 28.97
C LYS A 297 4.88 -8.16 28.30
N ARG A 298 4.31 -9.29 28.65
CA ARG A 298 4.81 -10.62 28.22
C ARG A 298 3.63 -11.47 27.77
N GLY A 299 3.85 -12.28 26.74
CA GLY A 299 3.11 -13.52 26.46
C GLY A 299 4.05 -14.69 26.41
N HIS A 300 3.55 -15.88 26.72
CA HIS A 300 4.31 -17.14 26.64
C HIS A 300 3.43 -18.18 25.95
N ILE A 301 3.92 -18.82 24.90
CA ILE A 301 3.13 -19.84 24.17
C ILE A 301 3.74 -21.21 24.40
N GLU A 302 2.97 -22.08 25.06
CA GLU A 302 3.34 -23.48 25.37
C GLU A 302 3.30 -24.29 24.08
N ASP A 303 4.11 -25.34 24.00
CA ASP A 303 4.10 -26.30 22.89
C ASP A 303 4.41 -25.57 21.57
N CYS A 304 5.11 -24.44 21.63
CA CYS A 304 5.40 -23.60 20.46
C CYS A 304 6.91 -23.55 20.17
N GLY A 305 7.30 -23.98 18.97
CA GLY A 305 8.69 -23.97 18.49
C GLY A 305 9.07 -22.62 17.90
N HIS A 306 10.04 -22.61 17.02
CA HIS A 306 10.61 -21.37 16.46
C HIS A 306 9.57 -20.64 15.58
N TRP A 307 8.79 -21.38 14.79
CA TRP A 307 7.92 -20.82 13.72
C TRP A 307 6.58 -20.40 14.34
N THR A 308 6.61 -19.41 15.22
CA THR A 308 5.55 -19.11 16.22
C THR A 308 4.22 -18.82 15.51
N GLN A 309 4.23 -17.94 14.50
CA GLN A 309 3.01 -17.43 13.82
C GLN A 309 2.25 -18.59 13.22
N MET A 310 2.96 -19.57 12.63
CA MET A 310 2.31 -20.68 11.90
C MET A 310 2.19 -21.92 12.79
N ASP A 311 2.92 -21.99 13.89
CA ASP A 311 2.77 -23.06 14.91
C ASP A 311 1.52 -22.79 15.76
N LYS A 312 1.40 -21.59 16.33
CA LYS A 312 0.30 -21.23 17.28
C LYS A 312 -0.36 -19.93 16.83
N PRO A 313 -0.96 -19.90 15.63
CA PRO A 313 -1.49 -18.68 15.07
C PRO A 313 -2.62 -18.08 15.90
N THR A 314 -3.47 -18.91 16.46
CA THR A 314 -4.62 -18.49 17.28
C THR A 314 -4.09 -17.81 18.56
N GLU A 315 -3.15 -18.44 19.24
CA GLU A 315 -2.58 -17.95 20.51
C GLU A 315 -1.83 -16.64 20.22
N VAL A 316 -1.05 -16.59 19.14
CA VAL A 316 -0.34 -15.36 18.68
C VAL A 316 -1.36 -14.23 18.49
N ASN A 317 -2.41 -14.47 17.71
CA ASN A 317 -3.44 -13.46 17.35
C ASN A 317 -4.06 -12.89 18.64
N GLN A 318 -4.40 -13.74 19.61
CA GLN A 318 -5.07 -13.33 20.89
C GLN A 318 -4.12 -12.45 21.69
N ILE A 319 -2.88 -12.85 21.84
CA ILE A 319 -1.86 -12.09 22.58
C ILE A 319 -1.67 -10.73 21.88
N LEU A 320 -1.45 -10.72 20.57
CA LEU A 320 -1.12 -9.45 19.84
C LEU A 320 -2.33 -8.50 19.93
N ILE A 321 -3.54 -8.98 19.69
CA ILE A 321 -4.76 -8.12 19.65
C ILE A 321 -5.05 -7.60 21.05
N LYS A 322 -4.99 -8.47 22.06
CA LYS A 322 -5.21 -8.09 23.47
C LYS A 322 -4.23 -6.95 23.82
N TRP A 323 -2.96 -7.10 23.43
CA TRP A 323 -1.90 -6.11 23.71
C TRP A 323 -2.12 -4.81 22.91
N LEU A 324 -2.33 -4.91 21.60
CA LEU A 324 -2.62 -3.75 20.73
C LEU A 324 -3.77 -2.95 21.34
N ASP A 325 -4.86 -3.63 21.71
CA ASP A 325 -6.13 -2.98 22.09
C ASP A 325 -5.95 -2.25 23.43
N SER A 326 -5.01 -2.68 24.26
CA SER A 326 -4.80 -2.16 25.64
C SER A 326 -3.64 -1.15 25.68
N ASP A 327 -2.60 -1.31 24.85
CA ASP A 327 -1.28 -0.61 25.02
C ASP A 327 -0.96 0.28 23.81
N ALA A 328 -1.59 0.06 22.66
CA ALA A 328 -1.17 0.65 21.36
C ALA A 328 -2.30 1.53 20.75
N ARG A 329 -3.57 1.07 20.76
CA ARG A 329 -4.74 1.89 20.29
C ARG A 329 -5.15 2.86 21.40
N PRO B 11 1.04 25.27 -2.93
CA PRO B 11 1.07 24.13 -2.00
C PRO B 11 2.13 23.11 -2.45
N THR B 12 2.65 22.34 -1.50
CA THR B 12 3.59 21.21 -1.71
C THR B 12 2.99 20.22 -2.72
N SER B 13 3.76 19.84 -3.72
CA SER B 13 3.38 18.86 -4.76
C SER B 13 3.96 17.48 -4.41
N CYS B 14 3.80 16.51 -5.32
CA CYS B 14 4.31 15.12 -5.20
C CYS B 14 5.42 14.89 -6.23
N ASN B 15 6.42 14.10 -5.86
CA ASN B 15 7.41 13.49 -6.79
C ASN B 15 7.09 11.99 -6.90
N PRO B 16 6.73 11.50 -8.11
CA PRO B 16 6.33 10.09 -8.30
C PRO B 16 7.33 9.01 -7.82
N SER B 17 8.65 9.22 -8.01
CA SER B 17 9.74 8.29 -7.53
C SER B 17 9.64 8.07 -6.00
N ASP B 18 9.02 9.01 -5.28
CA ASP B 18 9.09 9.12 -3.80
C ASP B 18 7.79 8.66 -3.14
N MET B 19 6.81 8.14 -3.91
CA MET B 19 5.47 7.77 -3.37
C MET B 19 5.47 6.29 -3.05
N SER B 20 4.63 5.86 -2.14
CA SER B 20 4.19 4.45 -1.98
C SER B 20 3.23 4.12 -3.08
N HIS B 21 3.56 3.13 -3.89
CA HIS B 21 2.72 2.66 -5.00
C HIS B 21 2.05 1.36 -4.60
N GLY B 22 0.72 1.32 -4.70
CA GLY B 22 -0.10 0.13 -4.40
C GLY B 22 -0.77 -0.42 -5.64
N TYR B 23 -0.97 -1.73 -5.67
CA TYR B 23 -1.62 -2.48 -6.77
C TYR B 23 -2.56 -3.50 -6.18
N VAL B 24 -3.78 -3.48 -6.63
CA VAL B 24 -4.84 -4.44 -6.27
C VAL B 24 -5.40 -5.01 -7.56
N THR B 25 -5.45 -6.33 -7.66
CA THR B 25 -6.17 -7.06 -8.71
C THR B 25 -7.63 -7.18 -8.31
N VAL B 26 -8.52 -6.53 -9.04
CA VAL B 26 -9.99 -6.45 -8.72
C VAL B 26 -10.76 -7.49 -9.57
N LYS B 27 -10.12 -8.02 -10.61
CA LYS B 27 -10.69 -8.99 -11.59
C LYS B 27 -9.53 -9.63 -12.32
N PRO B 28 -9.73 -10.80 -12.95
CA PRO B 28 -8.62 -11.56 -13.52
C PRO B 28 -7.56 -10.71 -14.25
N ARG B 29 -7.98 -9.86 -15.16
CA ARG B 29 -7.07 -9.13 -16.08
C ARG B 29 -7.01 -7.66 -15.67
N VAL B 30 -7.46 -7.30 -14.47
CA VAL B 30 -7.68 -5.90 -14.07
C VAL B 30 -7.02 -5.62 -12.73
N ARG B 31 -5.99 -4.82 -12.76
CA ARG B 31 -5.25 -4.32 -11.57
C ARG B 31 -5.40 -2.82 -11.51
N LEU B 32 -5.69 -2.29 -10.33
CA LEU B 32 -5.73 -0.84 -10.10
C LEU B 32 -4.51 -0.44 -9.32
N HIS B 33 -3.80 0.55 -9.84
CA HIS B 33 -2.65 1.23 -9.21
C HIS B 33 -3.14 2.43 -8.42
N PHE B 34 -2.54 2.68 -7.28
CA PHE B 34 -2.75 3.90 -6.49
C PHE B 34 -1.46 4.29 -5.82
N VAL B 35 -1.33 5.56 -5.50
CA VAL B 35 -0.33 6.05 -4.55
C VAL B 35 -1.03 6.34 -3.23
N GLU B 36 -0.32 6.14 -2.14
CA GLU B 36 -0.88 6.15 -0.79
C GLU B 36 0.00 7.07 0.04
N LEU B 37 -0.61 7.98 0.81
CA LEU B 37 0.10 8.84 1.74
C LEU B 37 -0.79 9.17 2.93
N GLY B 38 -0.24 9.09 4.14
CA GLY B 38 -0.87 9.56 5.38
C GLY B 38 -1.50 8.43 6.16
N SER B 39 -1.91 8.72 7.39
CA SER B 39 -2.77 7.84 8.20
C SER B 39 -4.04 8.59 8.57
N GLY B 40 -5.04 7.86 9.03
CA GLY B 40 -6.37 8.36 9.38
C GLY B 40 -7.43 7.76 8.45
N PRO B 41 -8.62 8.38 8.39
CA PRO B 41 -9.69 7.88 7.54
C PRO B 41 -9.24 7.81 6.08
N ALA B 42 -9.64 6.75 5.40
CA ALA B 42 -9.26 6.47 4.01
C ALA B 42 -10.02 7.42 3.06
N VAL B 43 -9.29 8.16 2.25
CA VAL B 43 -9.83 9.12 1.28
C VAL B 43 -9.33 8.69 -0.07
N CYS B 44 -10.23 8.26 -0.91
CA CYS B 44 -9.94 7.75 -2.26
C CYS B 44 -10.19 8.85 -3.29
N LEU B 45 -9.14 9.32 -3.95
CA LEU B 45 -9.20 10.39 -4.97
C LEU B 45 -9.33 9.75 -6.36
N CYS B 46 -10.29 10.21 -7.16
CA CYS B 46 -10.67 9.63 -8.47
C CYS B 46 -10.63 10.71 -9.54
N HIS B 47 -9.64 10.65 -10.41
CA HIS B 47 -9.33 11.68 -11.41
C HIS B 47 -10.34 11.57 -12.56
N GLY B 48 -10.33 12.54 -13.47
CA GLY B 48 -11.18 12.53 -14.65
C GLY B 48 -10.40 12.27 -15.92
N PHE B 49 -10.95 12.74 -17.03
CA PHE B 49 -10.45 12.56 -18.39
C PHE B 49 -9.69 13.81 -18.84
N PRO B 50 -8.55 13.69 -19.53
CA PRO B 50 -7.72 12.51 -19.51
C PRO B 50 -6.52 12.68 -18.57
N GLU B 51 -6.63 12.20 -17.36
CA GLU B 51 -5.76 12.64 -16.26
C GLU B 51 -5.07 11.43 -15.64
N SER B 52 -4.79 11.51 -14.35
CA SER B 52 -3.76 10.70 -13.66
C SER B 52 -3.93 10.90 -12.16
N TRP B 53 -3.48 9.94 -11.35
CA TRP B 53 -3.34 10.13 -9.89
C TRP B 53 -2.64 11.46 -9.65
N TYR B 54 -1.76 11.83 -10.58
CA TYR B 54 -0.84 12.96 -10.48
C TYR B 54 -1.61 14.29 -10.56
N SER B 55 -2.82 14.28 -11.06
CA SER B 55 -3.72 15.47 -11.09
C SER B 55 -4.08 15.89 -9.67
N TRP B 56 -3.90 15.00 -8.71
CA TRP B 56 -4.13 15.29 -7.27
C TRP B 56 -2.83 15.73 -6.58
N ARG B 57 -1.77 16.00 -7.33
CA ARG B 57 -0.40 16.19 -6.74
C ARG B 57 -0.43 17.27 -5.62
N TYR B 58 -1.30 18.27 -5.69
CA TYR B 58 -1.36 19.38 -4.69
C TYR B 58 -2.25 19.01 -3.49
N GLN B 59 -3.11 18.06 -3.65
CA GLN B 59 -4.08 17.63 -2.60
C GLN B 59 -3.46 16.52 -1.75
N ILE B 60 -2.68 15.63 -2.34
CA ILE B 60 -2.22 14.40 -1.65
C ILE B 60 -1.46 14.80 -0.39
N PRO B 61 -0.44 15.71 -0.47
CA PRO B 61 0.33 16.06 0.71
C PRO B 61 -0.52 16.79 1.76
N ALA B 62 -1.33 17.76 1.31
CA ALA B 62 -2.15 18.62 2.20
C ALA B 62 -3.20 17.73 2.93
N LEU B 63 -3.86 16.82 2.23
CA LEU B 63 -4.86 15.89 2.84
C LEU B 63 -4.17 14.95 3.84
N ALA B 64 -3.01 14.41 3.49
CA ALA B 64 -2.21 13.53 4.39
C ALA B 64 -1.86 14.33 5.66
N GLN B 65 -1.36 15.53 5.48
CA GLN B 65 -0.88 16.39 6.57
C GLN B 65 -2.08 16.80 7.46
N ALA B 66 -3.30 16.83 6.92
CA ALA B 66 -4.53 17.19 7.68
C ALA B 66 -5.04 15.99 8.48
N GLY B 67 -4.40 14.83 8.36
CA GLY B 67 -4.72 13.63 9.14
C GLY B 67 -5.60 12.65 8.35
N TYR B 68 -5.34 12.44 7.07
CA TYR B 68 -6.07 11.51 6.22
C TYR B 68 -5.11 10.55 5.54
N ARG B 69 -5.59 9.34 5.28
CA ARG B 69 -4.90 8.31 4.50
C ARG B 69 -5.39 8.43 3.06
N VAL B 70 -4.57 9.02 2.22
CA VAL B 70 -4.95 9.35 0.82
C VAL B 70 -4.54 8.19 -0.07
N LEU B 71 -5.49 7.67 -0.81
CA LEU B 71 -5.27 6.74 -1.95
C LEU B 71 -5.66 7.47 -3.21
N ALA B 72 -4.68 7.88 -3.99
CA ALA B 72 -4.89 8.57 -5.27
C ALA B 72 -4.78 7.53 -6.41
N MET B 73 -5.91 7.17 -7.00
CA MET B 73 -6.03 6.11 -8.02
C MET B 73 -5.43 6.57 -9.34
N ASP B 74 -4.86 5.67 -10.08
CA ASP B 74 -5.03 5.59 -11.55
C ASP B 74 -6.35 4.89 -11.83
N MET B 75 -7.31 5.60 -12.40
CA MET B 75 -8.60 5.01 -12.76
C MET B 75 -8.38 3.98 -13.88
N LYS B 76 -9.24 2.99 -13.95
CA LYS B 76 -9.21 1.97 -14.99
C LYS B 76 -9.05 2.67 -16.35
N GLY B 77 -8.07 2.25 -17.14
CA GLY B 77 -7.77 2.81 -18.47
C GLY B 77 -6.54 3.69 -18.46
N TYR B 78 -6.01 4.01 -17.28
CA TYR B 78 -5.01 5.08 -17.10
C TYR B 78 -3.72 4.53 -16.48
N GLY B 79 -2.61 5.10 -16.88
CA GLY B 79 -1.35 5.05 -16.10
C GLY B 79 -0.91 3.61 -15.90
N GLU B 80 -0.81 3.19 -14.65
CA GLU B 80 -0.33 1.83 -14.29
C GLU B 80 -1.50 0.93 -13.97
N SER B 81 -2.75 1.43 -14.03
CA SER B 81 -3.97 0.60 -13.94
C SER B 81 -4.20 -0.11 -15.27
N SER B 82 -4.79 -1.29 -15.25
CA SER B 82 -5.15 -2.04 -16.47
C SER B 82 -6.02 -1.17 -17.37
N ALA B 83 -5.91 -1.35 -18.68
CA ALA B 83 -6.64 -0.63 -19.72
C ALA B 83 -7.15 -1.60 -20.75
N PRO B 84 -8.11 -2.49 -20.40
CA PRO B 84 -8.72 -3.37 -21.41
C PRO B 84 -9.39 -2.54 -22.50
N PRO B 85 -9.41 -3.01 -23.77
CA PRO B 85 -9.97 -2.22 -24.87
C PRO B 85 -11.52 -2.17 -24.91
N GLU B 86 -12.22 -3.16 -24.35
CA GLU B 86 -13.70 -3.32 -24.56
C GLU B 86 -14.42 -2.14 -23.91
N ILE B 87 -15.35 -1.55 -24.64
CA ILE B 87 -16.11 -0.35 -24.20
C ILE B 87 -16.80 -0.63 -22.86
N GLU B 88 -17.45 -1.79 -22.72
CA GLU B 88 -18.37 -2.11 -21.60
C GLU B 88 -17.59 -2.32 -20.30
N GLU B 89 -16.24 -2.37 -20.34
CA GLU B 89 -15.38 -2.47 -19.15
C GLU B 89 -15.35 -1.12 -18.43
N TYR B 90 -15.93 -0.08 -19.04
CA TYR B 90 -15.83 1.31 -18.58
C TYR B 90 -17.23 1.91 -18.37
N CYS B 91 -18.25 1.08 -18.26
CA CYS B 91 -19.57 1.51 -17.77
C CYS B 91 -19.54 1.65 -16.24
N MET B 92 -20.30 2.58 -15.71
CA MET B 92 -20.23 2.98 -14.29
C MET B 92 -20.49 1.75 -13.41
N GLU B 93 -21.31 0.82 -13.90
CA GLU B 93 -21.69 -0.37 -13.12
C GLU B 93 -20.44 -1.21 -12.87
N VAL B 94 -19.64 -1.45 -13.91
CA VAL B 94 -18.40 -2.25 -13.83
C VAL B 94 -17.39 -1.46 -12.98
N LEU B 95 -17.18 -0.19 -13.28
CA LEU B 95 -16.18 0.64 -12.59
C LEU B 95 -16.50 0.69 -11.08
N CYS B 96 -17.77 0.83 -10.69
CA CYS B 96 -18.18 0.93 -9.27
C CYS B 96 -17.95 -0.41 -8.58
N LYS B 97 -18.34 -1.50 -9.20
CA LYS B 97 -18.20 -2.85 -8.61
C LYS B 97 -16.69 -3.13 -8.41
N GLU B 98 -15.85 -2.58 -9.26
CA GLU B 98 -14.38 -2.78 -9.17
C GLU B 98 -13.83 -1.97 -8.00
N MET B 99 -14.39 -0.79 -7.74
CA MET B 99 -13.97 0.09 -6.64
C MET B 99 -14.42 -0.51 -5.31
N VAL B 100 -15.53 -1.20 -5.29
CA VAL B 100 -16.01 -1.94 -4.08
C VAL B 100 -15.05 -3.10 -3.82
N THR B 101 -14.67 -3.85 -4.84
CA THR B 101 -13.71 -4.97 -4.75
C THR B 101 -12.38 -4.43 -4.24
N PHE B 102 -11.98 -3.25 -4.72
CA PHE B 102 -10.76 -2.54 -4.32
C PHE B 102 -10.79 -2.33 -2.80
N LEU B 103 -11.87 -1.73 -2.29
CA LEU B 103 -12.07 -1.54 -0.82
C LEU B 103 -11.96 -2.91 -0.13
N ASP B 104 -12.62 -3.95 -0.68
CA ASP B 104 -12.68 -5.33 -0.09
C ASP B 104 -11.25 -5.82 0.10
N LYS B 105 -10.43 -5.79 -0.93
CA LYS B 105 -9.07 -6.41 -0.93
C LYS B 105 -8.15 -5.61 -0.03
N LEU B 106 -8.39 -4.31 0.12
CA LEU B 106 -7.62 -3.43 1.01
C LEU B 106 -8.12 -3.54 2.45
N GLY B 107 -9.22 -4.24 2.66
CA GLY B 107 -9.80 -4.45 3.99
C GLY B 107 -10.33 -3.15 4.56
N LEU B 108 -10.91 -2.30 3.70
CA LEU B 108 -11.57 -1.03 4.10
C LEU B 108 -13.08 -1.24 4.09
N SER B 109 -13.73 -1.03 5.22
CA SER B 109 -15.18 -1.12 5.34
C SER B 109 -15.83 0.07 4.60
N GLN B 110 -15.15 1.20 4.57
CA GLN B 110 -15.60 2.38 3.82
C GLN B 110 -14.42 3.32 3.53
N ALA B 111 -14.62 4.24 2.60
CA ALA B 111 -13.73 5.35 2.33
C ALA B 111 -14.57 6.58 2.00
N VAL B 112 -14.00 7.74 2.19
CA VAL B 112 -14.45 9.00 1.55
C VAL B 112 -14.04 8.93 0.10
N PHE B 113 -14.96 9.20 -0.81
CA PHE B 113 -14.69 9.24 -2.25
C PHE B 113 -14.79 10.70 -2.72
N ILE B 114 -13.67 11.20 -3.20
CA ILE B 114 -13.53 12.54 -3.80
C ILE B 114 -13.17 12.34 -5.27
N GLY B 115 -14.00 12.84 -6.16
CA GLY B 115 -13.80 12.67 -7.61
C GLY B 115 -13.88 13.99 -8.33
N HIS B 116 -13.25 14.05 -9.49
CA HIS B 116 -13.32 15.17 -10.42
C HIS B 116 -13.72 14.64 -11.78
N ASP B 117 -14.62 15.32 -12.46
CA ASP B 117 -14.93 15.08 -13.88
C ASP B 117 -15.57 13.68 -13.96
N TRP B 118 -15.06 12.79 -14.80
CA TRP B 118 -15.59 11.39 -14.91
C TRP B 118 -15.40 10.66 -13.58
N GLY B 119 -14.32 10.96 -12.85
CA GLY B 119 -14.10 10.47 -11.46
C GLY B 119 -15.21 10.94 -10.52
N GLY B 120 -15.70 12.18 -10.70
CA GLY B 120 -16.80 12.75 -9.93
C GLY B 120 -18.10 11.99 -10.18
N MET B 121 -18.36 11.67 -11.44
CA MET B 121 -19.54 10.90 -11.91
C MET B 121 -19.51 9.53 -11.24
N LEU B 122 -18.34 8.92 -11.17
CA LEU B 122 -18.14 7.61 -10.52
C LEU B 122 -18.41 7.73 -9.02
N VAL B 123 -17.92 8.76 -8.33
CA VAL B 123 -18.10 8.82 -6.85
C VAL B 123 -19.59 9.08 -6.51
N TRP B 124 -20.33 9.79 -7.38
CA TRP B 124 -21.81 9.93 -7.23
C TRP B 124 -22.47 8.54 -7.33
N TYR B 125 -22.11 7.75 -8.34
CA TYR B 125 -22.67 6.41 -8.56
C TYR B 125 -22.32 5.51 -7.36
N MET B 126 -21.11 5.63 -6.84
CA MET B 126 -20.66 4.92 -5.62
C MET B 126 -21.57 5.31 -4.43
N ALA B 127 -21.83 6.59 -4.25
CA ALA B 127 -22.64 7.11 -3.13
C ALA B 127 -24.08 6.63 -3.29
N LEU B 128 -24.56 6.57 -4.52
CA LEU B 128 -25.94 6.20 -4.87
C LEU B 128 -26.15 4.72 -4.60
N PHE B 129 -25.25 3.85 -5.11
CA PHE B 129 -25.46 2.38 -5.15
C PHE B 129 -24.72 1.67 -4.01
N TYR B 130 -23.67 2.28 -3.42
CA TYR B 130 -22.84 1.66 -2.37
C TYR B 130 -22.63 2.62 -1.21
N PRO B 131 -23.69 3.30 -0.72
CA PRO B 131 -23.53 4.26 0.37
C PRO B 131 -22.92 3.62 1.63
N GLU B 132 -23.16 2.32 1.85
CA GLU B 132 -22.62 1.62 3.03
C GLU B 132 -21.06 1.58 2.95
N ARG B 133 -20.49 1.66 1.75
CA ARG B 133 -19.01 1.62 1.52
C ARG B 133 -18.43 3.04 1.38
N VAL B 134 -19.28 4.06 1.33
CA VAL B 134 -18.84 5.48 1.12
C VAL B 134 -19.14 6.27 2.38
N ARG B 135 -18.10 6.61 3.14
N ARG B 135 -18.09 6.62 3.14
CA ARG B 135 -18.19 7.40 4.39
CA ARG B 135 -18.22 7.41 4.41
C ARG B 135 -18.78 8.79 4.07
C ARG B 135 -18.79 8.79 4.07
N ALA B 136 -18.28 9.41 3.00
CA ALA B 136 -18.69 10.75 2.53
C ALA B 136 -18.27 10.88 1.06
N VAL B 137 -18.96 11.71 0.30
CA VAL B 137 -18.71 11.85 -1.15
C VAL B 137 -18.53 13.34 -1.47
N ALA B 138 -17.53 13.65 -2.28
CA ALA B 138 -17.24 15.01 -2.79
C ALA B 138 -16.95 14.93 -4.28
N SER B 139 -17.61 15.77 -5.07
CA SER B 139 -17.33 15.93 -6.52
C SER B 139 -16.80 17.34 -6.78
N LEU B 140 -15.71 17.45 -7.52
CA LEU B 140 -15.27 18.68 -8.20
C LEU B 140 -15.90 18.72 -9.60
N ASN B 141 -16.76 19.73 -9.82
CA ASN B 141 -17.29 20.13 -11.15
C ASN B 141 -18.49 19.27 -11.53
N THR B 142 -18.40 17.95 -11.36
CA THR B 142 -19.41 17.01 -11.89
C THR B 142 -20.64 17.06 -10.99
N PRO B 143 -21.81 17.45 -11.54
CA PRO B 143 -23.05 17.42 -10.79
C PRO B 143 -23.58 15.97 -10.72
N PHE B 144 -24.54 15.73 -9.83
CA PHE B 144 -25.39 14.51 -9.83
C PHE B 144 -26.78 14.91 -10.31
N ILE B 145 -27.17 14.46 -11.51
CA ILE B 145 -28.54 14.62 -12.08
C ILE B 145 -29.23 13.26 -12.08
N PRO B 146 -30.36 13.09 -11.37
CA PRO B 146 -31.16 11.85 -11.46
C PRO B 146 -31.51 11.52 -12.92
N ALA B 147 -31.41 10.26 -13.28
CA ALA B 147 -31.65 9.73 -14.63
C ALA B 147 -33.12 9.90 -14.97
N ASN B 148 -33.41 10.40 -16.17
CA ASN B 148 -34.80 10.56 -16.68
C ASN B 148 -35.14 9.36 -17.55
N PRO B 149 -36.03 8.45 -17.09
CA PRO B 149 -36.42 7.26 -17.87
C PRO B 149 -37.15 7.57 -19.20
N ASN B 150 -37.44 8.84 -19.48
CA ASN B 150 -38.20 9.28 -20.69
C ASN B 150 -37.21 9.58 -21.83
N MET B 151 -36.06 10.20 -21.53
CA MET B 151 -35.08 10.73 -22.53
C MET B 151 -33.79 9.88 -22.50
N SER B 152 -33.47 9.23 -23.62
CA SER B 152 -32.16 8.59 -23.90
C SER B 152 -31.06 9.64 -23.78
N PRO B 153 -29.81 9.21 -23.52
CA PRO B 153 -28.68 10.14 -23.39
C PRO B 153 -28.48 11.06 -24.61
N LEU B 154 -28.96 10.63 -25.81
CA LEU B 154 -29.02 11.45 -27.06
C LEU B 154 -29.65 12.82 -26.77
N GLU B 155 -30.78 12.84 -26.05
CA GLU B 155 -31.59 14.06 -25.75
C GLU B 155 -31.07 14.71 -24.46
N ASP B 164 -20.77 18.76 -30.30
CA ASP B 164 -20.23 17.73 -31.22
C ASP B 164 -19.29 16.77 -30.42
N TYR B 165 -18.39 17.31 -29.58
CA TYR B 165 -17.10 16.66 -29.24
C TYR B 165 -17.36 15.29 -28.58
N GLN B 166 -18.47 15.14 -27.86
CA GLN B 166 -18.84 13.88 -27.15
C GLN B 166 -19.29 12.85 -28.16
N LEU B 167 -19.88 13.29 -29.27
CA LEU B 167 -20.27 12.42 -30.40
C LEU B 167 -19.01 12.02 -31.18
N TYR B 168 -18.08 12.92 -31.35
CA TYR B 168 -16.77 12.66 -31.99
C TYR B 168 -16.04 11.55 -31.20
N PHE B 169 -16.16 11.57 -29.87
CA PHE B 169 -15.51 10.60 -28.94
C PHE B 169 -16.18 9.21 -29.04
N GLN B 170 -17.34 9.08 -29.69
CA GLN B 170 -18.15 7.82 -29.63
C GLN B 170 -17.43 6.70 -30.38
N GLU B 171 -17.05 6.90 -31.64
CA GLU B 171 -16.60 5.79 -32.52
C GLU B 171 -15.15 5.42 -32.17
N PRO B 172 -14.91 4.17 -31.70
CA PRO B 172 -13.56 3.72 -31.34
C PRO B 172 -12.56 3.92 -32.48
N GLY B 173 -11.40 4.50 -32.15
CA GLY B 173 -10.24 4.62 -33.06
C GLY B 173 -10.04 6.04 -33.57
N VAL B 174 -11.13 6.82 -33.69
CA VAL B 174 -11.14 8.17 -34.33
C VAL B 174 -10.43 9.18 -33.41
N ALA B 175 -11.03 9.53 -32.27
CA ALA B 175 -10.45 10.51 -31.32
C ALA B 175 -9.08 10.01 -30.81
N GLU B 176 -8.93 8.69 -30.62
CA GLU B 176 -7.65 8.05 -30.19
C GLU B 176 -6.54 8.54 -31.10
N ALA B 177 -6.74 8.44 -32.43
CA ALA B 177 -5.73 8.77 -33.47
C ALA B 177 -5.31 10.24 -33.33
N GLU B 178 -6.27 11.13 -33.10
CA GLU B 178 -5.99 12.58 -32.98
C GLU B 178 -5.21 12.84 -31.68
N LEU B 179 -5.69 12.28 -30.56
CA LEU B 179 -5.17 12.55 -29.20
C LEU B 179 -3.78 11.90 -29.02
N GLU B 180 -3.53 10.77 -29.68
CA GLU B 180 -2.28 9.98 -29.53
C GLU B 180 -1.22 10.48 -30.52
N GLN B 181 -1.60 11.22 -31.56
CA GLN B 181 -0.66 11.61 -32.64
C GLN B 181 0.54 12.34 -32.05
N ASN B 182 0.29 13.30 -31.19
CA ASN B 182 1.33 14.10 -30.51
C ASN B 182 0.87 14.37 -29.06
N LEU B 183 1.37 13.59 -28.12
CA LEU B 183 0.92 13.57 -26.71
C LEU B 183 1.25 14.91 -26.03
N SER B 184 2.42 15.48 -26.31
CA SER B 184 2.81 16.80 -25.76
CA SER B 184 2.83 16.80 -25.76
C SER B 184 1.80 17.86 -26.17
N ARG B 185 1.39 17.84 -27.43
CA ARG B 185 0.45 18.82 -28.00
C ARG B 185 -0.90 18.61 -27.34
N THR B 186 -1.33 17.36 -27.21
CA THR B 186 -2.63 17.01 -26.59
C THR B 186 -2.71 17.66 -25.22
N PHE B 187 -1.72 17.43 -24.36
CA PHE B 187 -1.80 17.81 -22.92
C PHE B 187 -1.61 19.31 -22.78
N LYS B 188 -0.71 19.88 -23.55
N LYS B 188 -0.67 19.88 -23.53
CA LYS B 188 -0.47 21.36 -23.57
CA LYS B 188 -0.43 21.36 -23.62
C LYS B 188 -1.74 22.06 -24.07
C LYS B 188 -1.71 22.06 -24.08
N SER B 189 -2.50 21.42 -24.96
CA SER B 189 -3.72 22.00 -25.58
C SER B 189 -4.89 21.89 -24.62
N LEU B 190 -4.99 20.79 -23.87
CA LEU B 190 -6.11 20.53 -22.93
C LEU B 190 -5.86 21.28 -21.60
N PHE B 191 -4.67 21.13 -21.01
CA PHE B 191 -4.40 21.62 -19.63
C PHE B 191 -4.14 23.13 -19.67
N ARG B 192 -5.20 23.91 -19.76
CA ARG B 192 -5.13 25.39 -19.89
C ARG B 192 -6.17 26.00 -18.98
N ALA B 193 -5.84 27.12 -18.35
CA ALA B 193 -6.81 28.01 -17.67
C ALA B 193 -7.87 28.41 -18.69
N SER B 194 -9.08 28.68 -18.21
CA SER B 194 -10.26 28.97 -19.05
C SER B 194 -9.95 30.08 -20.06
N ASP B 195 -9.26 31.13 -19.62
CA ASP B 195 -8.90 32.33 -20.43
C ASP B 195 -7.75 32.01 -21.41
N GLU B 196 -7.12 30.85 -21.29
CA GLU B 196 -5.99 30.41 -22.17
C GLU B 196 -6.49 29.41 -23.23
N SER B 197 -7.78 29.03 -23.22
CA SER B 197 -8.28 27.83 -23.95
C SER B 197 -8.11 28.03 -25.47
N VAL B 198 -7.71 26.96 -26.19
CA VAL B 198 -7.43 26.98 -27.66
C VAL B 198 -8.40 26.00 -28.35
N LEU B 199 -9.47 25.57 -27.65
CA LEU B 199 -10.48 24.58 -28.17
C LEU B 199 -11.85 25.28 -28.36
N SER B 200 -12.56 24.96 -29.46
CA SER B 200 -13.95 25.40 -29.76
C SER B 200 -14.93 24.84 -28.72
N GLY B 209 -11.90 17.15 -36.07
CA GLY B 209 -11.04 16.86 -34.91
C GLY B 209 -11.28 17.85 -33.79
N LEU B 210 -10.74 17.55 -32.59
CA LEU B 210 -10.66 18.44 -31.42
C LEU B 210 -9.67 19.57 -31.69
N PHE B 211 -8.59 19.29 -32.41
CA PHE B 211 -7.36 20.14 -32.49
C PHE B 211 -7.17 20.67 -33.91
N VAL B 212 -8.15 20.49 -34.80
CA VAL B 212 -8.03 20.83 -36.26
C VAL B 212 -7.64 22.32 -36.39
N ASN B 213 -8.32 23.20 -35.64
CA ASN B 213 -8.17 24.68 -35.75
C ASN B 213 -7.52 25.24 -34.47
N SER B 214 -6.50 24.54 -33.92
CA SER B 214 -5.77 24.94 -32.69
C SER B 214 -4.25 24.90 -32.93
N PRO B 215 -3.45 25.69 -32.18
CA PRO B 215 -2.03 25.84 -32.47
C PRO B 215 -1.29 24.49 -32.53
N GLU B 216 -0.30 24.37 -33.43
CA GLU B 216 0.45 23.12 -33.69
C GLU B 216 1.51 22.93 -32.60
N GLU B 217 2.13 24.02 -32.13
CA GLU B 217 3.01 24.04 -30.92
C GLU B 217 2.41 24.98 -29.86
N PRO B 218 1.40 24.53 -29.08
CA PRO B 218 0.79 25.39 -28.08
C PRO B 218 1.82 25.86 -27.05
N SER B 219 1.68 27.10 -26.58
CA SER B 219 2.34 27.64 -25.38
C SER B 219 1.96 26.79 -24.18
N LEU B 220 2.88 26.69 -23.24
CA LEU B 220 2.68 26.21 -21.86
C LEU B 220 1.68 27.13 -21.13
N SER B 221 0.57 26.57 -20.64
CA SER B 221 -0.37 27.21 -19.68
C SER B 221 0.38 27.63 -18.42
N ARG B 222 -0.03 28.72 -17.79
CA ARG B 222 0.51 29.21 -16.48
C ARG B 222 0.29 28.15 -15.38
N MET B 223 -0.62 27.20 -15.60
CA MET B 223 -1.05 26.19 -14.57
C MET B 223 0.03 25.12 -14.38
N VAL B 224 0.80 24.82 -15.43
CA VAL B 224 1.62 23.58 -15.52
C VAL B 224 3.03 23.92 -16.01
N THR B 225 3.99 23.05 -15.69
CA THR B 225 5.38 23.13 -16.18
C THR B 225 5.56 22.11 -17.28
N GLU B 226 6.60 22.28 -18.08
CA GLU B 226 7.06 21.30 -19.09
C GLU B 226 7.19 19.91 -18.44
N GLU B 227 7.80 19.85 -17.25
CA GLU B 227 8.09 18.57 -16.54
C GLU B 227 6.75 17.86 -16.23
N GLU B 228 5.75 18.59 -15.71
CA GLU B 228 4.42 18.03 -15.39
C GLU B 228 3.75 17.52 -16.65
N ILE B 229 3.77 18.27 -17.74
CA ILE B 229 3.21 17.82 -19.05
C ILE B 229 3.94 16.52 -19.46
N GLN B 230 5.26 16.49 -19.35
CA GLN B 230 6.10 15.30 -19.72
C GLN B 230 5.69 14.07 -18.90
N PHE B 231 5.22 14.26 -17.66
CA PHE B 231 4.77 13.15 -16.81
C PHE B 231 3.50 12.52 -17.43
N TYR B 232 2.54 13.34 -17.85
CA TYR B 232 1.29 12.84 -18.47
C TYR B 232 1.63 12.14 -19.79
N VAL B 233 2.56 12.68 -20.55
CA VAL B 233 3.02 12.10 -21.85
C VAL B 233 3.55 10.68 -21.58
N GLN B 234 4.42 10.53 -20.57
CA GLN B 234 5.03 9.22 -20.21
C GLN B 234 3.94 8.24 -19.77
N GLN B 235 2.96 8.69 -18.98
CA GLN B 235 1.86 7.83 -18.50
C GLN B 235 1.04 7.33 -19.70
N PHE B 236 0.69 8.20 -20.62
CA PHE B 236 -0.27 7.91 -21.71
C PHE B 236 0.40 7.15 -22.83
N LYS B 237 1.72 6.96 -22.75
CA LYS B 237 2.46 6.07 -23.68
C LYS B 237 2.19 4.61 -23.33
N LYS B 238 1.71 4.33 -22.12
CA LYS B 238 1.53 2.91 -21.67
C LYS B 238 0.32 2.29 -22.42
N SER B 239 -0.81 2.97 -22.44
CA SER B 239 -2.09 2.42 -22.94
C SER B 239 -2.75 3.39 -23.91
N GLY B 240 -2.37 4.66 -23.94
CA GLY B 240 -3.01 5.66 -24.84
C GLY B 240 -4.44 5.98 -24.41
N PHE B 241 -5.33 6.26 -25.35
CA PHE B 241 -6.57 7.01 -25.12
C PHE B 241 -7.80 6.11 -25.24
N ARG B 242 -7.63 4.86 -25.60
CA ARG B 242 -8.78 3.93 -25.80
C ARG B 242 -9.54 3.76 -24.47
N GLY B 243 -8.85 3.37 -23.41
CA GLY B 243 -9.44 3.20 -22.09
C GLY B 243 -10.13 4.48 -21.62
N PRO B 244 -9.38 5.59 -21.55
CA PRO B 244 -9.94 6.89 -21.19
C PRO B 244 -11.19 7.29 -21.99
N LEU B 245 -11.15 7.17 -23.31
CA LEU B 245 -12.28 7.57 -24.21
C LEU B 245 -13.47 6.62 -23.99
N ASN B 246 -13.23 5.38 -23.56
CA ASN B 246 -14.31 4.40 -23.32
C ASN B 246 -15.22 4.89 -22.18
N TRP B 247 -14.71 5.73 -21.29
CA TRP B 247 -15.54 6.33 -20.21
C TRP B 247 -16.77 7.05 -20.83
N TYR B 248 -16.64 7.56 -22.06
CA TYR B 248 -17.67 8.40 -22.73
C TYR B 248 -18.66 7.52 -23.53
N ARG B 249 -18.38 6.22 -23.67
CA ARG B 249 -19.00 5.35 -24.71
C ARG B 249 -20.00 4.41 -24.04
N ASN B 250 -20.50 4.77 -22.86
CA ASN B 250 -21.42 3.90 -22.09
C ASN B 250 -22.65 4.70 -21.69
N MET B 251 -23.00 5.74 -22.44
CA MET B 251 -24.09 6.67 -22.06
C MET B 251 -25.40 5.85 -21.83
N GLU B 252 -25.75 4.91 -22.72
CA GLU B 252 -27.04 4.16 -22.63
C GLU B 252 -26.99 3.21 -21.44
N ARG B 253 -25.87 2.50 -21.25
CA ARG B 253 -25.64 1.54 -20.12
C ARG B 253 -25.71 2.30 -18.77
N ASN B 254 -25.08 3.45 -18.69
CA ASN B 254 -24.99 4.24 -17.44
C ASN B 254 -26.38 4.75 -17.10
N TRP B 255 -27.14 5.16 -18.12
CA TRP B 255 -28.51 5.66 -17.99
C TRP B 255 -29.44 4.53 -17.51
N LYS B 256 -29.40 3.37 -18.15
CA LYS B 256 -30.17 2.15 -17.73
C LYS B 256 -29.85 1.83 -16.26
N TRP B 257 -28.58 1.80 -15.88
CA TRP B 257 -28.18 1.47 -14.49
C TRP B 257 -28.72 2.56 -13.56
N ALA B 258 -28.53 3.82 -13.91
CA ALA B 258 -28.97 4.97 -13.08
C ALA B 258 -30.50 4.91 -12.85
N CYS B 259 -31.26 4.56 -13.88
CA CYS B 259 -32.74 4.42 -13.82
C CYS B 259 -33.15 3.37 -12.76
N LYS B 260 -32.33 2.35 -12.56
CA LYS B 260 -32.61 1.25 -11.60
C LYS B 260 -32.51 1.79 -10.16
N SER B 261 -32.09 3.03 -9.97
CA SER B 261 -31.90 3.64 -8.63
C SER B 261 -33.21 4.24 -8.14
N LEU B 262 -34.30 4.10 -8.92
CA LEU B 262 -35.72 4.17 -8.45
C LEU B 262 -35.93 5.50 -7.68
N GLY B 263 -35.25 6.55 -8.13
CA GLY B 263 -35.18 7.86 -7.44
C GLY B 263 -35.05 7.74 -5.92
N ARG B 264 -34.23 6.80 -5.42
CA ARG B 264 -33.73 6.79 -4.03
C ARG B 264 -32.88 8.04 -3.84
N LYS B 265 -32.70 8.48 -2.61
CA LYS B 265 -31.82 9.62 -2.29
C LYS B 265 -30.45 9.11 -1.87
N ILE B 266 -29.46 9.97 -1.92
CA ILE B 266 -28.14 9.80 -1.31
C ILE B 266 -28.18 10.44 0.07
N LEU B 267 -28.01 9.63 1.11
CA LEU B 267 -28.31 10.01 2.50
C LEU B 267 -27.01 10.22 3.29
N ILE B 268 -25.87 10.15 2.62
CA ILE B 268 -24.53 10.29 3.28
C ILE B 268 -24.04 11.71 3.11
N PRO B 269 -23.07 12.17 3.95
CA PRO B 269 -22.48 13.50 3.80
C PRO B 269 -21.88 13.65 2.39
N ALA B 270 -22.18 14.77 1.76
CA ALA B 270 -21.86 15.05 0.36
C ALA B 270 -21.39 16.50 0.23
N LEU B 271 -20.41 16.73 -0.64
CA LEU B 271 -19.90 18.05 -1.00
C LEU B 271 -19.93 18.18 -2.52
N MET B 272 -20.53 19.26 -3.01
CA MET B 272 -20.48 19.63 -4.44
C MET B 272 -19.64 20.91 -4.59
N VAL B 273 -18.51 20.82 -5.28
CA VAL B 273 -17.63 21.98 -5.55
C VAL B 273 -17.79 22.38 -7.01
N THR B 274 -18.30 23.57 -7.27
CA THR B 274 -18.48 24.09 -8.64
C THR B 274 -17.29 24.99 -9.00
N ALA B 275 -16.95 25.03 -10.28
CA ALA B 275 -15.90 25.88 -10.86
C ALA B 275 -16.53 26.88 -11.83
N GLU B 276 -16.43 28.16 -11.50
CA GLU B 276 -17.09 29.30 -12.20
C GLU B 276 -16.89 29.18 -13.72
N LYS B 277 -15.69 28.80 -14.15
CA LYS B 277 -15.22 28.90 -15.54
C LYS B 277 -15.08 27.52 -16.17
N ASP B 278 -15.65 26.47 -15.57
CA ASP B 278 -15.85 25.20 -16.29
C ASP B 278 -17.06 25.35 -17.23
N PHE B 279 -16.81 25.33 -18.54
CA PHE B 279 -17.79 25.70 -19.59
C PHE B 279 -18.56 24.45 -20.02
N VAL B 280 -18.17 23.29 -19.53
CA VAL B 280 -18.80 21.99 -19.85
C VAL B 280 -19.61 21.55 -18.64
N LEU B 281 -18.95 21.39 -17.51
CA LEU B 281 -19.61 21.02 -16.24
C LEU B 281 -19.92 22.30 -15.49
N VAL B 282 -20.89 23.03 -15.98
CA VAL B 282 -21.16 24.42 -15.53
C VAL B 282 -21.84 24.36 -14.17
N PRO B 283 -21.58 25.33 -13.28
CA PRO B 283 -22.15 25.32 -11.94
C PRO B 283 -23.68 25.17 -11.90
N GLN B 284 -24.39 25.76 -12.86
CA GLN B 284 -25.88 25.78 -12.89
C GLN B 284 -26.42 24.35 -13.01
N MET B 285 -25.65 23.44 -13.58
CA MET B 285 -26.08 22.04 -13.77
C MET B 285 -26.18 21.34 -12.41
N SER B 286 -25.62 21.93 -11.34
CA SER B 286 -25.68 21.35 -9.97
C SER B 286 -26.92 21.85 -9.22
N GLN B 287 -27.77 22.68 -9.86
CA GLN B 287 -28.63 23.67 -9.15
C GLN B 287 -29.70 22.99 -8.26
N HIS B 288 -30.12 21.75 -8.52
CA HIS B 288 -31.27 21.15 -7.76
C HIS B 288 -30.83 19.90 -6.94
N MET B 289 -29.53 19.73 -6.71
CA MET B 289 -28.96 18.50 -6.09
C MET B 289 -29.38 18.37 -4.60
N GLU B 290 -29.72 19.46 -3.92
CA GLU B 290 -30.20 19.42 -2.50
C GLU B 290 -31.47 18.53 -2.38
N ASP B 291 -32.35 18.56 -3.38
CA ASP B 291 -33.62 17.77 -3.41
C ASP B 291 -33.33 16.27 -3.21
N TRP B 292 -32.24 15.78 -3.84
CA TRP B 292 -31.89 14.34 -3.99
C TRP B 292 -30.83 13.95 -2.95
N ILE B 293 -30.15 14.96 -2.38
CA ILE B 293 -28.95 14.80 -1.51
C ILE B 293 -29.10 15.73 -0.31
N PRO B 294 -29.90 15.33 0.71
CA PRO B 294 -30.31 16.24 1.78
C PRO B 294 -29.12 16.81 2.58
N HIS B 295 -28.05 16.03 2.76
CA HIS B 295 -26.86 16.44 3.57
C HIS B 295 -25.78 17.08 2.69
N LEU B 296 -26.16 17.68 1.56
CA LEU B 296 -25.23 18.33 0.59
C LEU B 296 -24.69 19.64 1.15
N LYS B 297 -23.39 19.79 1.15
CA LYS B 297 -22.70 21.09 1.31
C LYS B 297 -22.12 21.48 -0.03
N ARG B 298 -21.73 22.73 -0.15
CA ARG B 298 -21.23 23.30 -1.41
C ARG B 298 -19.94 24.04 -1.16
N GLY B 299 -19.06 24.01 -2.14
CA GLY B 299 -18.04 25.02 -2.37
C GLY B 299 -18.16 25.56 -3.78
N HIS B 300 -17.65 26.75 -4.00
CA HIS B 300 -17.62 27.40 -5.31
C HIS B 300 -16.27 28.06 -5.46
N ILE B 301 -15.53 27.75 -6.51
CA ILE B 301 -14.22 28.39 -6.74
C ILE B 301 -14.34 29.33 -7.94
N GLU B 302 -14.14 30.60 -7.69
CA GLU B 302 -14.13 31.67 -8.71
C GLU B 302 -12.84 31.57 -9.52
N ASP B 303 -12.88 32.03 -10.76
CA ASP B 303 -11.70 32.15 -11.65
C ASP B 303 -11.09 30.77 -11.84
N CYS B 304 -11.89 29.73 -11.73
CA CYS B 304 -11.46 28.33 -11.83
C CYS B 304 -12.14 27.66 -13.03
N GLY B 305 -11.34 27.10 -13.91
CA GLY B 305 -11.79 26.37 -15.10
C GLY B 305 -11.98 24.92 -14.81
N HIS B 306 -11.90 24.07 -15.83
CA HIS B 306 -12.17 22.63 -15.72
C HIS B 306 -11.13 21.95 -14.82
N TRP B 307 -9.86 22.35 -14.91
CA TRP B 307 -8.74 21.60 -14.28
C TRP B 307 -8.55 22.09 -12.84
N THR B 308 -9.55 21.83 -12.00
CA THR B 308 -9.77 22.51 -10.71
C THR B 308 -8.55 22.35 -9.80
N GLN B 309 -8.04 21.12 -9.66
CA GLN B 309 -6.99 20.76 -8.69
C GLN B 309 -5.72 21.55 -8.98
N MET B 310 -5.39 21.73 -10.25
CA MET B 310 -4.13 22.40 -10.66
C MET B 310 -4.38 23.87 -10.98
N ASP B 311 -5.63 24.28 -11.19
CA ASP B 311 -6.00 25.70 -11.40
C ASP B 311 -6.01 26.42 -10.03
N LYS B 312 -6.74 25.88 -9.05
CA LYS B 312 -6.91 26.53 -7.73
C LYS B 312 -6.59 25.53 -6.61
N PRO B 313 -5.35 24.99 -6.55
CA PRO B 313 -5.01 23.93 -5.61
C PRO B 313 -5.20 24.34 -4.14
N THR B 314 -4.86 25.57 -3.81
CA THR B 314 -4.99 26.10 -2.44
C THR B 314 -6.48 26.14 -2.04
N GLU B 315 -7.35 26.65 -2.90
CA GLU B 315 -8.78 26.81 -2.60
C GLU B 315 -9.40 25.43 -2.50
N VAL B 316 -9.04 24.52 -3.40
CA VAL B 316 -9.48 23.10 -3.35
C VAL B 316 -9.11 22.50 -1.99
N ASN B 317 -7.85 22.60 -1.60
CA ASN B 317 -7.33 21.99 -0.34
C ASN B 317 -8.13 22.52 0.85
N GLN B 318 -8.38 23.82 0.92
CA GLN B 318 -9.09 24.46 2.07
C GLN B 318 -10.56 23.99 2.12
N ILE B 319 -11.23 23.93 0.97
CA ILE B 319 -12.64 23.43 0.88
C ILE B 319 -12.67 21.97 1.30
N LEU B 320 -11.79 21.14 0.74
CA LEU B 320 -11.84 19.68 0.98
C LEU B 320 -11.53 19.42 2.46
N ILE B 321 -10.51 20.05 3.02
CA ILE B 321 -10.06 19.77 4.42
C ILE B 321 -11.11 20.28 5.40
N LYS B 322 -11.63 21.48 5.16
CA LYS B 322 -12.69 22.09 6.01
C LYS B 322 -13.89 21.11 6.04
N TRP B 323 -14.27 20.58 4.89
CA TRP B 323 -15.42 19.65 4.73
C TRP B 323 -15.10 18.30 5.40
N LEU B 324 -13.96 17.70 5.06
CA LEU B 324 -13.50 16.42 5.67
C LEU B 324 -13.57 16.55 7.19
N ASP B 325 -12.99 17.61 7.75
CA ASP B 325 -12.78 17.77 9.21
C ASP B 325 -14.13 17.90 9.92
N SER B 326 -15.17 18.37 9.22
CA SER B 326 -16.50 18.70 9.82
C SER B 326 -17.49 17.57 9.55
N ASP B 327 -17.42 16.89 8.40
CA ASP B 327 -18.52 16.02 7.86
C ASP B 327 -18.08 14.57 7.74
N ALA B 328 -16.77 14.30 7.75
CA ALA B 328 -16.19 12.97 7.43
C ALA B 328 -15.40 12.40 8.62
N ARG B 329 -14.59 13.23 9.32
CA ARG B 329 -13.82 12.82 10.54
C ARG B 329 -14.78 12.80 11.74
#